data_2OC7
#
_entry.id   2OC7
#
_cell.length_a   224.676
_cell.length_b   224.676
_cell.length_c   75.604
_cell.angle_alpha   90.00
_cell.angle_beta   90.00
_cell.angle_gamma   120.00
#
_symmetry.space_group_name_H-M   'H 3 2'
#
loop_
_entity.id
_entity.type
_entity.pdbx_description
1 polymer 'Hepatitis C Virus'
2 polymer 'Hepatitis C Virus'
3 non-polymer 'ZINC ION'
4 non-polymer BETA-MERCAPTOETHANOL
5 non-polymer 'TERT-BUTYL {(1S)-2-[(1R,2S,5R)-2-({[(1S)-3-AMINO-1-(CYCLOBUTYLMETHYL)-2,3-DIOXOPROPYL]AMINO}CARBONYL)-7,7-DIMETHYL-6-OXA-3-AZABICYCLO[3.2.0]HEPT-3-YL]-1-CYCLOHEXYL-2-OXOETHYL}CARBAMATE'
6 water water
#
loop_
_entity_poly.entity_id
_entity_poly.type
_entity_poly.pdbx_seq_one_letter_code
_entity_poly.pdbx_strand_id
1 'polypeptide(L)'
;MASMTGGQQMGAPITAYAQQTRGLLGCIITSLTGRDKNQVEGEVQIVSTATQTFLATCINGVCWTVYHGAGTRTIASPKG
PVIQMYTNVDQDLVGWPAPQGSRSLTPCTCGSSDLYLVTRHADVIPVRRRGDSRGSLLSPRPISYLKGSSGGPLLCPAGH
AVGLFRAAVCTRGVAKAVDFIPVENLETTMRSGSHHHHHH
;
A,C
2 'polypeptide(L)' KKGSVVIVGRIVLSGKPAIIPKK B,D
#
loop_
_chem_comp.id
_chem_comp.type
_chem_comp.name
_chem_comp.formula
BME non-polymer BETA-MERCAPTOETHANOL 'C2 H6 O S'
HU4 non-polymer 'TERT-BUTYL {(1S)-2-[(1R,2S,5R)-2-({[(1S)-3-AMINO-1-(CYCLOBUTYLMETHYL)-2,3-DIOXOPROPYL]AMINO}CARBONYL)-7,7-DIMETHYL-6-OXA-3-AZABICYCLO[3.2.0]HEPT-3-YL]-1-CYCLOHEXYL-2-OXOETHYL}CARBAMATE' 'C29 H46 N4 O7'
ZN non-polymer 'ZINC ION' 'Zn 2'
#
# COMPACT_ATOMS: atom_id res chain seq x y z
N ALA A 12 11.15 -4.87 2.90
CA ALA A 12 10.28 -3.72 2.47
C ALA A 12 8.83 -4.10 2.76
N PRO A 13 8.00 -3.10 3.08
CA PRO A 13 6.58 -3.28 3.38
C PRO A 13 5.70 -3.32 2.12
N ILE A 14 4.48 -3.82 2.29
CA ILE A 14 3.50 -3.93 1.22
C ILE A 14 2.98 -2.55 0.88
N THR A 15 3.20 -2.12 -0.36
CA THR A 15 2.71 -0.83 -0.83
C THR A 15 2.10 -1.04 -2.22
N ALA A 16 1.06 -0.29 -2.56
CA ALA A 16 0.41 -0.45 -3.86
C ALA A 16 -0.10 0.89 -4.37
N TYR A 17 -0.26 0.99 -5.67
CA TYR A 17 -0.79 2.21 -6.28
C TYR A 17 -1.73 1.82 -7.42
N ALA A 18 -2.75 2.64 -7.67
CA ALA A 18 -3.70 2.33 -8.72
C ALA A 18 -3.58 3.24 -9.92
N GLN A 19 -4.01 2.73 -11.06
CA GLN A 19 -4.00 3.47 -12.30
C GLN A 19 -5.23 3.00 -13.07
N GLN A 20 -5.96 3.96 -13.64
CA GLN A 20 -7.12 3.61 -14.45
C GLN A 20 -6.67 3.66 -15.89
N THR A 21 -7.01 2.63 -16.66
CA THR A 21 -6.57 2.53 -18.03
C THR A 21 -7.63 2.82 -19.06
N ARG A 22 -8.88 2.92 -18.65
CA ARG A 22 -9.94 3.25 -19.59
C ARG A 22 -11.22 3.54 -18.85
N GLY A 23 -12.08 4.33 -19.49
CA GLY A 23 -13.34 4.70 -18.89
C GLY A 23 -14.55 4.00 -19.47
N LEU A 24 -15.69 4.26 -18.85
CA LEU A 24 -16.97 3.69 -19.23
C LEU A 24 -17.13 3.37 -20.72
N LEU A 25 -17.03 4.39 -21.56
CA LEU A 25 -17.23 4.18 -23.00
C LEU A 25 -16.23 3.25 -23.65
N GLY A 26 -14.96 3.34 -23.26
CA GLY A 26 -13.95 2.45 -23.82
C GLY A 26 -14.18 1.03 -23.31
N CYS A 27 -14.54 0.93 -22.04
CA CYS A 27 -14.81 -0.35 -21.41
C CYS A 27 -15.92 -1.10 -22.15
N ILE A 28 -17.01 -0.39 -22.44
CA ILE A 28 -18.16 -0.95 -23.13
C ILE A 28 -17.80 -1.49 -24.52
N ILE A 29 -17.06 -0.70 -25.29
CA ILE A 29 -16.65 -1.11 -26.62
C ILE A 29 -15.79 -2.36 -26.51
N THR A 30 -14.79 -2.28 -25.65
CA THR A 30 -13.87 -3.38 -25.45
C THR A 30 -14.57 -4.65 -24.97
N SER A 31 -15.63 -4.49 -24.20
CA SER A 31 -16.40 -5.62 -23.71
C SER A 31 -17.07 -6.34 -24.88
N LEU A 32 -17.72 -5.57 -25.75
CA LEU A 32 -18.40 -6.13 -26.91
C LEU A 32 -17.44 -6.72 -27.94
N THR A 33 -16.47 -5.93 -28.36
CA THR A 33 -15.52 -6.40 -29.36
C THR A 33 -14.59 -7.50 -28.81
N GLY A 34 -14.37 -7.48 -27.50
CA GLY A 34 -13.50 -8.46 -26.85
C GLY A 34 -12.04 -8.26 -27.25
N ARG A 35 -11.73 -7.15 -27.90
CA ARG A 35 -10.37 -6.91 -28.33
C ARG A 35 -9.76 -5.72 -27.64
N ASP A 36 -8.92 -5.99 -26.66
CA ASP A 36 -8.26 -4.96 -25.88
C ASP A 36 -6.81 -4.97 -26.29
N LYS A 37 -6.26 -3.82 -26.65
CA LYS A 37 -4.86 -3.79 -27.05
C LYS A 37 -4.00 -2.96 -26.09
N ASN A 38 -4.56 -2.58 -24.95
CA ASN A 38 -3.86 -1.77 -23.94
C ASN A 38 -2.78 -2.56 -23.26
N GLN A 39 -1.68 -1.90 -22.91
CA GLN A 39 -0.58 -2.58 -22.23
C GLN A 39 -1.01 -2.95 -20.82
N VAL A 40 -0.51 -4.09 -20.34
CA VAL A 40 -0.83 -4.57 -19.00
C VAL A 40 0.41 -4.57 -18.13
N GLU A 41 0.24 -4.23 -16.86
CA GLU A 41 1.32 -4.20 -15.89
C GLU A 41 0.69 -4.48 -14.55
N GLY A 42 1.45 -5.11 -13.66
CA GLY A 42 0.92 -5.37 -12.34
C GLY A 42 0.44 -6.76 -12.02
N GLU A 43 0.21 -6.99 -10.73
CA GLU A 43 -0.26 -8.26 -10.20
C GLU A 43 -1.78 -8.35 -10.15
N VAL A 44 -2.44 -7.23 -9.82
CA VAL A 44 -3.89 -7.20 -9.73
C VAL A 44 -4.44 -6.33 -10.85
N GLN A 45 -5.50 -6.78 -11.50
CA GLN A 45 -6.11 -6.03 -12.58
C GLN A 45 -7.50 -5.60 -12.12
N ILE A 46 -7.83 -4.33 -12.34
CA ILE A 46 -9.15 -3.82 -11.99
C ILE A 46 -9.98 -4.24 -13.20
N VAL A 47 -11.03 -5.00 -12.92
CA VAL A 47 -11.86 -5.63 -13.91
C VAL A 47 -13.33 -5.21 -13.83
N SER A 48 -13.99 -5.09 -14.98
CA SER A 48 -15.40 -4.71 -15.02
C SER A 48 -16.21 -5.45 -16.05
N THR A 49 -17.45 -5.74 -15.69
CA THR A 49 -18.39 -6.38 -16.59
C THR A 49 -19.34 -5.23 -16.86
N ALA A 50 -20.50 -5.48 -17.45
CA ALA A 50 -21.45 -4.39 -17.70
C ALA A 50 -22.27 -4.16 -16.42
N THR A 51 -22.10 -5.07 -15.48
CA THR A 51 -22.83 -5.02 -14.22
C THR A 51 -21.98 -4.69 -13.01
N GLN A 52 -20.68 -4.95 -13.05
CA GLN A 52 -19.84 -4.65 -11.88
C GLN A 52 -18.34 -4.61 -12.08
N THR A 53 -17.66 -4.00 -11.10
CA THR A 53 -16.22 -3.88 -11.11
C THR A 53 -15.76 -4.67 -9.92
N PHE A 54 -14.68 -5.40 -10.12
CA PHE A 54 -14.08 -6.19 -9.08
C PHE A 54 -12.61 -6.27 -9.40
N LEU A 55 -11.92 -7.23 -8.81
CA LEU A 55 -10.49 -7.35 -9.05
C LEU A 55 -10.15 -8.76 -9.48
N ALA A 56 -8.99 -8.89 -10.11
CA ALA A 56 -8.48 -10.18 -10.55
C ALA A 56 -7.00 -10.21 -10.20
N THR A 57 -6.60 -11.17 -9.37
CA THR A 57 -5.19 -11.31 -8.95
C THR A 57 -4.48 -12.39 -9.79
N CYS A 58 -3.30 -12.06 -10.29
CA CYS A 58 -2.52 -13.01 -11.07
C CYS A 58 -1.63 -13.83 -10.14
N ILE A 59 -1.90 -15.12 -9.99
CA ILE A 59 -1.06 -15.97 -9.14
C ILE A 59 -0.56 -17.11 -9.97
N ASN A 60 0.77 -17.22 -10.07
CA ASN A 60 1.41 -18.28 -10.84
C ASN A 60 0.93 -18.34 -12.28
N GLY A 61 1.17 -17.27 -13.02
CA GLY A 61 0.79 -17.24 -14.42
C GLY A 61 -0.67 -17.33 -14.78
N VAL A 62 -1.53 -17.39 -13.77
CA VAL A 62 -2.97 -17.46 -14.00
C VAL A 62 -3.68 -16.24 -13.33
N CYS A 63 -4.54 -15.54 -14.09
CA CYS A 63 -5.30 -14.39 -13.59
C CYS A 63 -6.62 -14.92 -13.00
N TRP A 64 -6.74 -14.90 -11.67
CA TRP A 64 -7.91 -15.42 -10.97
C TRP A 64 -8.86 -14.36 -10.49
N THR A 65 -10.12 -14.73 -10.33
CA THR A 65 -11.10 -13.81 -9.83
C THR A 65 -12.29 -14.57 -9.30
N VAL A 66 -13.19 -13.83 -8.68
CA VAL A 66 -14.38 -14.39 -8.07
C VAL A 66 -15.46 -14.71 -9.13
N TYR A 67 -15.86 -15.98 -9.19
CA TYR A 67 -16.84 -16.47 -10.14
C TYR A 67 -18.09 -15.63 -10.14
N HIS A 68 -18.56 -15.26 -8.95
CA HIS A 68 -19.77 -14.46 -8.86
C HIS A 68 -19.62 -13.06 -9.46
N GLY A 69 -18.49 -12.82 -10.11
CA GLY A 69 -18.26 -11.53 -10.72
C GLY A 69 -18.02 -11.78 -12.18
N ALA A 70 -17.16 -12.74 -12.48
CA ALA A 70 -16.81 -13.05 -13.86
C ALA A 70 -17.83 -13.93 -14.55
N GLY A 71 -18.54 -14.73 -13.76
CA GLY A 71 -19.51 -15.63 -14.32
C GLY A 71 -18.72 -16.56 -15.18
N THR A 72 -19.08 -16.68 -16.44
CA THR A 72 -18.33 -17.55 -17.32
C THR A 72 -17.87 -16.76 -18.54
N ARG A 73 -17.91 -15.43 -18.41
CA ARG A 73 -17.54 -14.54 -19.51
C ARG A 73 -16.09 -14.72 -19.89
N THR A 74 -15.72 -14.21 -21.05
CA THR A 74 -14.35 -14.30 -21.53
C THR A 74 -13.61 -13.01 -21.18
N ILE A 75 -12.29 -13.01 -21.23
CA ILE A 75 -11.55 -11.79 -20.92
C ILE A 75 -11.05 -11.19 -22.22
N ALA A 76 -11.33 -9.91 -22.39
CA ALA A 76 -10.93 -9.17 -23.58
C ALA A 76 -9.42 -9.12 -23.58
N SER A 77 -8.82 -9.47 -24.70
CA SER A 77 -7.36 -9.48 -24.80
C SER A 77 -6.93 -8.90 -26.14
N PRO A 78 -5.62 -8.71 -26.35
CA PRO A 78 -5.16 -8.16 -27.63
C PRO A 78 -5.36 -9.07 -28.83
N LYS A 79 -5.85 -10.27 -28.58
CA LYS A 79 -6.10 -11.21 -29.64
C LYS A 79 -7.56 -11.62 -29.66
N GLY A 80 -8.40 -10.75 -29.11
CA GLY A 80 -9.83 -11.04 -29.05
C GLY A 80 -10.13 -11.71 -27.72
N PRO A 81 -11.33 -12.28 -27.55
CA PRO A 81 -11.70 -12.95 -26.30
C PRO A 81 -10.79 -14.08 -25.98
N VAL A 82 -10.78 -14.45 -24.70
CA VAL A 82 -9.97 -15.57 -24.21
C VAL A 82 -10.84 -16.34 -23.20
N ILE A 83 -11.11 -17.59 -23.53
CA ILE A 83 -11.94 -18.45 -22.70
C ILE A 83 -11.23 -18.70 -21.37
N GLN A 84 -11.99 -19.02 -20.33
CA GLN A 84 -11.41 -19.28 -19.02
C GLN A 84 -10.67 -20.62 -19.01
N MET A 85 -9.53 -20.64 -18.32
CA MET A 85 -8.75 -21.85 -18.15
C MET A 85 -9.47 -22.70 -17.13
N TYR A 86 -9.83 -22.07 -16.02
CA TYR A 86 -10.50 -22.76 -14.92
C TYR A 86 -11.82 -22.12 -14.57
N THR A 87 -12.76 -22.94 -14.10
CA THR A 87 -14.08 -22.46 -13.73
C THR A 87 -14.57 -23.37 -12.62
N ASN A 88 -14.79 -22.83 -11.43
CA ASN A 88 -15.27 -23.60 -10.31
C ASN A 88 -16.38 -22.86 -9.61
N VAL A 89 -17.61 -23.18 -9.97
CA VAL A 89 -18.75 -22.50 -9.39
C VAL A 89 -18.81 -22.71 -7.89
N ASP A 90 -18.46 -23.90 -7.44
CA ASP A 90 -18.55 -24.21 -6.04
C ASP A 90 -17.52 -23.55 -5.16
N GLN A 91 -16.36 -23.26 -5.71
CA GLN A 91 -15.35 -22.59 -4.92
C GLN A 91 -15.27 -21.12 -5.30
N ASP A 92 -16.22 -20.70 -6.15
CA ASP A 92 -16.33 -19.33 -6.61
C ASP A 92 -15.09 -18.84 -7.33
N LEU A 93 -14.48 -19.69 -8.15
CA LEU A 93 -13.26 -19.32 -8.85
C LEU A 93 -13.34 -19.42 -10.37
N VAL A 94 -12.58 -18.56 -11.06
CA VAL A 94 -12.47 -18.62 -12.52
C VAL A 94 -11.04 -18.18 -12.77
N GLY A 95 -10.42 -18.72 -13.80
CA GLY A 95 -9.05 -18.34 -14.10
C GLY A 95 -8.83 -18.25 -15.59
N TRP A 96 -8.00 -17.29 -16.02
CA TRP A 96 -7.69 -17.05 -17.42
C TRP A 96 -6.17 -17.01 -17.45
N PRO A 97 -5.57 -17.16 -18.63
CA PRO A 97 -4.11 -17.10 -18.63
C PRO A 97 -3.73 -15.68 -18.22
N ALA A 98 -2.80 -15.52 -17.29
CA ALA A 98 -2.40 -14.18 -16.88
C ALA A 98 -2.07 -13.36 -18.12
N PRO A 99 -2.70 -12.18 -18.27
CA PRO A 99 -2.47 -11.29 -19.41
C PRO A 99 -1.02 -10.98 -19.68
N GLN A 100 -0.64 -10.98 -20.96
CA GLN A 100 0.74 -10.67 -21.33
C GLN A 100 1.17 -9.31 -20.78
N GLY A 101 2.05 -9.32 -19.79
CA GLY A 101 2.52 -8.08 -19.20
C GLY A 101 2.36 -8.07 -17.69
N SER A 102 1.42 -8.85 -17.18
CA SER A 102 1.21 -8.90 -15.76
C SER A 102 2.34 -9.64 -15.05
N ARG A 103 2.50 -9.36 -13.76
CA ARG A 103 3.48 -10.01 -12.90
C ARG A 103 2.63 -10.83 -11.95
N SER A 104 3.02 -12.06 -11.68
CA SER A 104 2.23 -12.93 -10.81
C SER A 104 2.72 -13.10 -9.40
N LEU A 105 1.79 -13.16 -8.45
CA LEU A 105 2.15 -13.39 -7.06
C LEU A 105 2.38 -14.91 -6.97
N THR A 106 2.96 -15.34 -5.87
CA THR A 106 3.22 -16.75 -5.62
C THR A 106 2.49 -17.05 -4.31
N PRO A 107 1.93 -18.26 -4.17
CA PRO A 107 1.19 -18.66 -2.97
C PRO A 107 1.99 -18.48 -1.67
N CYS A 108 1.28 -18.47 -0.55
CA CYS A 108 1.93 -18.26 0.73
C CYS A 108 2.52 -19.50 1.34
N THR A 109 3.83 -19.45 1.50
CA THR A 109 4.58 -20.50 2.15
C THR A 109 4.53 -20.09 3.62
N CYS A 110 4.62 -21.07 4.52
CA CYS A 110 4.59 -20.84 5.96
C CYS A 110 3.32 -20.20 6.54
N GLY A 111 2.16 -20.58 6.01
CA GLY A 111 0.88 -20.07 6.49
C GLY A 111 0.77 -18.58 6.79
N SER A 112 1.11 -18.22 8.03
CA SER A 112 1.05 -16.84 8.52
C SER A 112 -0.35 -16.48 9.03
N SER A 113 -0.40 -15.81 10.17
CA SER A 113 -1.66 -15.39 10.80
C SER A 113 -1.99 -13.92 10.52
N ASP A 114 -0.96 -13.15 10.22
CA ASP A 114 -1.08 -11.72 9.95
C ASP A 114 -1.25 -11.47 8.46
N LEU A 115 -2.50 -11.22 8.06
CA LEU A 115 -2.85 -10.97 6.66
C LEU A 115 -3.09 -9.49 6.34
N TYR A 116 -3.04 -9.15 5.05
CA TYR A 116 -3.23 -7.79 4.55
C TYR A 116 -4.06 -7.78 3.26
N LEU A 117 -5.24 -7.16 3.31
CA LEU A 117 -6.13 -7.08 2.16
C LEU A 117 -5.84 -5.86 1.29
N VAL A 118 -5.54 -6.11 0.02
CA VAL A 118 -5.26 -5.04 -0.94
C VAL A 118 -6.58 -4.72 -1.60
N THR A 119 -7.03 -3.47 -1.44
CA THR A 119 -8.30 -3.00 -1.98
C THR A 119 -8.18 -2.38 -3.36
N ARG A 120 -9.36 -2.19 -3.97
CA ARG A 120 -9.53 -1.63 -5.30
C ARG A 120 -8.97 -0.23 -5.39
N HIS A 121 -8.74 0.36 -4.22
CA HIS A 121 -8.21 1.71 -4.14
C HIS A 121 -6.74 1.69 -3.80
N ALA A 122 -6.15 0.49 -3.89
CA ALA A 122 -4.75 0.29 -3.60
C ALA A 122 -4.37 0.53 -2.13
N ASP A 123 -5.25 0.16 -1.21
CA ASP A 123 -4.99 0.32 0.22
C ASP A 123 -4.74 -1.08 0.74
N VAL A 124 -3.79 -1.25 1.66
CA VAL A 124 -3.55 -2.55 2.24
C VAL A 124 -4.03 -2.38 3.69
N ILE A 125 -5.01 -3.18 4.08
CA ILE A 125 -5.55 -3.06 5.42
C ILE A 125 -5.35 -4.37 6.18
N PRO A 126 -4.87 -4.28 7.42
CA PRO A 126 -4.61 -5.45 8.27
C PRO A 126 -5.83 -6.29 8.53
N VAL A 127 -5.62 -7.60 8.46
CA VAL A 127 -6.67 -8.59 8.69
C VAL A 127 -6.02 -9.72 9.51
N ARG A 128 -6.75 -10.19 10.53
CA ARG A 128 -6.26 -11.26 11.40
C ARG A 128 -7.04 -12.51 11.04
N ARG A 129 -6.32 -13.60 10.78
CA ARG A 129 -6.99 -14.84 10.40
C ARG A 129 -7.70 -15.46 11.60
N ARG A 130 -8.98 -15.76 11.43
CA ARG A 130 -9.82 -16.37 12.47
C ARG A 130 -10.27 -17.76 12.08
N GLY A 131 -9.71 -18.26 10.99
CA GLY A 131 -10.05 -19.58 10.49
C GLY A 131 -9.35 -19.81 9.18
N ASP A 132 -9.82 -20.77 8.39
CA ASP A 132 -9.17 -21.06 7.12
C ASP A 132 -9.65 -20.11 6.02
N SER A 133 -10.80 -19.49 6.24
CA SER A 133 -11.35 -18.61 5.23
C SER A 133 -11.99 -17.32 5.74
N ARG A 134 -11.58 -16.86 6.92
CA ARG A 134 -12.14 -15.64 7.50
C ARG A 134 -11.10 -14.88 8.30
N GLY A 135 -11.17 -13.56 8.23
CA GLY A 135 -10.23 -12.75 8.97
C GLY A 135 -10.90 -11.49 9.46
N SER A 136 -10.55 -11.09 10.68
CA SER A 136 -11.12 -9.91 11.29
C SER A 136 -10.37 -8.68 10.85
N LEU A 137 -11.10 -7.61 10.59
CA LEU A 137 -10.48 -6.37 10.20
C LEU A 137 -9.99 -5.74 11.50
N LEU A 138 -8.68 -5.50 11.58
CA LEU A 138 -8.12 -4.89 12.78
C LEU A 138 -8.82 -3.56 13.02
N SER A 139 -9.06 -2.82 11.94
CA SER A 139 -9.76 -1.55 12.00
C SER A 139 -10.91 -1.64 10.99
N PRO A 140 -12.16 -1.80 11.50
CA PRO A 140 -13.38 -1.91 10.69
C PRO A 140 -13.49 -0.79 9.68
N ARG A 141 -14.25 -1.03 8.64
CA ARG A 141 -14.42 -0.02 7.60
C ARG A 141 -15.83 -0.22 7.06
N PRO A 142 -16.42 0.85 6.49
CA PRO A 142 -17.77 0.77 5.92
C PRO A 142 -17.75 -0.19 4.73
N ILE A 143 -18.86 -0.89 4.48
CA ILE A 143 -18.90 -1.82 3.36
C ILE A 143 -18.56 -1.14 2.05
N SER A 144 -18.97 0.11 1.91
CA SER A 144 -18.71 0.89 0.71
C SER A 144 -17.22 0.86 0.33
N TYR A 145 -16.35 0.94 1.33
CA TYR A 145 -14.90 0.94 1.14
C TYR A 145 -14.47 -0.33 0.44
N LEU A 146 -15.01 -1.46 0.90
CA LEU A 146 -14.68 -2.75 0.34
C LEU A 146 -15.35 -3.08 -1.00
N LYS A 147 -16.33 -2.27 -1.40
CA LYS A 147 -17.04 -2.52 -2.66
C LYS A 147 -16.06 -2.50 -3.79
N GLY A 148 -16.32 -3.34 -4.78
CA GLY A 148 -15.47 -3.43 -5.96
C GLY A 148 -14.10 -4.08 -5.82
N SER A 149 -13.79 -4.68 -4.67
CA SER A 149 -12.49 -5.31 -4.52
C SER A 149 -12.50 -6.82 -4.32
N SER A 150 -13.54 -7.47 -4.83
CA SER A 150 -13.68 -8.92 -4.77
C SER A 150 -12.71 -9.49 -5.77
N GLY A 151 -12.02 -10.56 -5.41
CA GLY A 151 -11.05 -11.14 -6.31
C GLY A 151 -9.68 -10.57 -5.98
N GLY A 152 -9.66 -9.56 -5.13
CA GLY A 152 -8.41 -8.95 -4.72
C GLY A 152 -7.60 -9.89 -3.84
N PRO A 153 -6.30 -9.65 -3.71
CA PRO A 153 -5.45 -10.50 -2.89
C PRO A 153 -5.36 -10.22 -1.40
N LEU A 154 -5.17 -11.28 -0.64
CA LEU A 154 -4.95 -11.22 0.81
C LEU A 154 -3.50 -11.68 0.93
N LEU A 155 -2.63 -10.76 1.33
CA LEU A 155 -1.21 -11.06 1.42
C LEU A 155 -0.74 -11.34 2.84
N CYS A 156 0.40 -12.02 2.94
CA CYS A 156 1.01 -12.35 4.22
C CYS A 156 2.11 -11.30 4.29
N PRO A 157 2.77 -11.16 5.44
CA PRO A 157 3.83 -10.16 5.57
C PRO A 157 4.96 -10.20 4.54
N ALA A 158 5.00 -11.28 3.76
CA ALA A 158 6.03 -11.47 2.74
C ALA A 158 5.58 -11.08 1.31
N GLY A 159 4.29 -10.81 1.15
CA GLY A 159 3.75 -10.41 -0.14
C GLY A 159 3.27 -11.58 -0.98
N HIS A 160 3.03 -12.70 -0.34
CA HIS A 160 2.58 -13.88 -1.07
C HIS A 160 1.12 -14.05 -0.85
N ALA A 161 0.43 -14.44 -1.91
CA ALA A 161 -1.01 -14.60 -1.85
C ALA A 161 -1.42 -15.66 -0.87
N VAL A 162 -2.40 -15.32 -0.02
CA VAL A 162 -2.94 -16.24 0.97
C VAL A 162 -4.38 -16.56 0.55
N GLY A 163 -5.03 -15.61 -0.11
CA GLY A 163 -6.39 -15.83 -0.54
C GLY A 163 -6.87 -14.67 -1.39
N LEU A 164 -8.12 -14.76 -1.81
CA LEU A 164 -8.78 -13.76 -2.65
C LEU A 164 -10.06 -13.34 -1.94
N PHE A 165 -10.25 -12.04 -1.80
CA PHE A 165 -11.43 -11.46 -1.14
C PHE A 165 -12.73 -11.90 -1.83
N ARG A 166 -13.63 -12.45 -1.04
CA ARG A 166 -14.90 -12.91 -1.58
C ARG A 166 -16.11 -12.23 -0.97
N ALA A 167 -16.16 -12.17 0.35
CA ALA A 167 -17.30 -11.58 1.04
C ALA A 167 -16.96 -10.68 2.21
N ALA A 168 -17.92 -9.83 2.53
CA ALA A 168 -17.80 -8.92 3.64
C ALA A 168 -18.77 -9.32 4.72
N VAL A 169 -18.29 -9.35 5.97
CA VAL A 169 -19.13 -9.67 7.13
C VAL A 169 -19.60 -8.32 7.66
N CYS A 170 -20.69 -7.86 7.05
CA CYS A 170 -21.28 -6.59 7.36
C CYS A 170 -22.15 -6.55 8.62
N THR A 171 -22.04 -5.43 9.34
CA THR A 171 -22.81 -5.18 10.56
C THR A 171 -23.25 -3.72 10.53
N ARG A 172 -24.49 -3.49 10.10
CA ARG A 172 -25.03 -2.14 10.03
C ARG A 172 -24.18 -1.21 9.17
N GLY A 173 -23.88 -1.68 7.96
CA GLY A 173 -23.09 -0.90 7.02
C GLY A 173 -21.59 -0.88 7.25
N VAL A 174 -21.11 -1.61 8.24
CA VAL A 174 -19.67 -1.65 8.51
C VAL A 174 -19.13 -3.06 8.53
N ALA A 175 -18.10 -3.29 7.75
CA ALA A 175 -17.47 -4.59 7.65
C ALA A 175 -16.51 -4.79 8.80
N LYS A 176 -16.72 -5.88 9.54
CA LYS A 176 -15.86 -6.20 10.68
C LYS A 176 -14.91 -7.33 10.30
N ALA A 177 -15.39 -8.25 9.48
CA ALA A 177 -14.61 -9.41 9.03
C ALA A 177 -14.79 -9.62 7.53
N VAL A 178 -13.95 -10.46 6.95
CA VAL A 178 -14.02 -10.75 5.52
C VAL A 178 -13.83 -12.24 5.27
N ASP A 179 -14.58 -12.76 4.32
CA ASP A 179 -14.47 -14.16 3.92
C ASP A 179 -13.64 -14.21 2.66
N PHE A 180 -12.73 -15.16 2.58
CA PHE A 180 -11.87 -15.29 1.40
C PHE A 180 -11.74 -16.73 0.92
N ILE A 181 -11.23 -16.89 -0.29
CA ILE A 181 -11.00 -18.21 -0.85
C ILE A 181 -9.51 -18.44 -0.66
N PRO A 182 -9.12 -19.49 0.08
CA PRO A 182 -7.72 -19.85 0.35
C PRO A 182 -7.00 -20.33 -0.93
N VAL A 183 -5.71 -19.99 -1.07
CA VAL A 183 -4.96 -20.40 -2.27
C VAL A 183 -5.07 -21.89 -2.60
N GLU A 184 -5.28 -22.68 -1.55
CA GLU A 184 -5.42 -24.12 -1.69
C GLU A 184 -6.54 -24.43 -2.67
N ASN A 185 -7.65 -23.72 -2.52
CA ASN A 185 -8.80 -23.92 -3.37
C ASN A 185 -8.47 -23.66 -4.83
N LEU A 186 -7.45 -22.84 -5.07
CA LEU A 186 -6.99 -22.56 -6.43
C LEU A 186 -6.34 -23.83 -6.96
N GLU A 187 -5.32 -24.29 -6.24
CA GLU A 187 -4.59 -25.49 -6.61
C GLU A 187 -5.57 -26.65 -6.84
N THR A 188 -6.59 -26.72 -5.99
CA THR A 188 -7.62 -27.74 -6.10
C THR A 188 -8.40 -27.58 -7.39
N THR A 189 -8.93 -26.38 -7.59
CA THR A 189 -9.71 -26.04 -8.76
C THR A 189 -8.93 -26.35 -10.04
N MET A 190 -7.61 -26.20 -9.99
CA MET A 190 -6.75 -26.45 -11.14
C MET A 190 -6.68 -27.92 -11.53
N ARG A 191 -6.74 -28.82 -10.54
CA ARG A 191 -6.69 -30.24 -10.85
C ARG A 191 -8.07 -30.84 -11.03
N SER A 192 -9.04 -29.97 -11.30
CA SER A 192 -10.44 -30.38 -11.49
C SER A 192 -10.85 -30.21 -12.97
N LYS B 2 -22.25 -13.85 -23.16
CA LYS B 2 -22.30 -12.40 -22.81
C LYS B 2 -21.05 -11.72 -23.33
N GLY B 3 -20.84 -10.48 -22.88
CA GLY B 3 -19.67 -9.72 -23.29
C GLY B 3 -18.42 -10.20 -22.59
N SER B 4 -17.37 -9.41 -22.69
CA SER B 4 -16.13 -9.78 -22.07
C SER B 4 -15.80 -8.92 -20.86
N VAL B 5 -15.09 -9.51 -19.91
CA VAL B 5 -14.64 -8.82 -18.73
C VAL B 5 -13.55 -7.92 -19.29
N VAL B 6 -13.58 -6.64 -18.95
CA VAL B 6 -12.56 -5.69 -19.43
C VAL B 6 -11.68 -5.15 -18.32
N ILE B 7 -10.38 -5.08 -18.58
CA ILE B 7 -9.43 -4.53 -17.62
C ILE B 7 -9.53 -3.03 -17.77
N VAL B 8 -9.93 -2.34 -16.71
CA VAL B 8 -10.09 -0.90 -16.72
C VAL B 8 -9.05 -0.17 -15.87
N GLY B 9 -8.13 -0.93 -15.28
CA GLY B 9 -7.10 -0.32 -14.46
C GLY B 9 -6.20 -1.40 -13.88
N ARG B 10 -5.27 -0.98 -13.03
CA ARG B 10 -4.32 -1.90 -12.42
C ARG B 10 -3.91 -1.43 -11.04
N ILE B 11 -3.41 -2.37 -10.24
CA ILE B 11 -2.93 -2.10 -8.90
C ILE B 11 -1.55 -2.75 -8.86
N VAL B 12 -0.50 -1.94 -8.70
CA VAL B 12 0.85 -2.46 -8.69
C VAL B 12 1.47 -2.51 -7.29
N LEU B 13 1.90 -3.71 -6.91
CA LEU B 13 2.53 -3.99 -5.60
C LEU B 13 4.04 -4.05 -5.70
N SER B 14 4.55 -4.30 -6.90
CA SER B 14 5.98 -4.42 -7.11
C SER B 14 6.71 -3.09 -7.05
N GLY B 15 5.98 -2.01 -6.89
CA GLY B 15 6.61 -0.71 -6.82
C GLY B 15 7.23 -0.61 -5.46
N LYS B 16 8.26 0.21 -5.37
CA LYS B 16 8.97 0.41 -4.11
C LYS B 16 9.19 1.92 -3.98
N PRO B 17 9.39 2.42 -2.75
CA PRO B 17 9.59 3.86 -2.52
C PRO B 17 10.44 4.49 -3.59
N ALA B 18 10.03 5.68 -4.02
CA ALA B 18 10.76 6.38 -5.05
C ALA B 18 10.65 7.88 -4.85
N ILE B 19 11.69 8.59 -5.22
CA ILE B 19 11.73 10.04 -5.12
C ILE B 19 11.11 10.57 -6.41
N ILE B 20 9.93 11.18 -6.29
CA ILE B 20 9.21 11.74 -7.44
C ILE B 20 10.05 12.75 -8.21
N PRO B 21 10.29 12.50 -9.51
CA PRO B 21 11.09 13.37 -10.38
C PRO B 21 10.44 14.74 -10.55
N LYS B 22 11.28 15.78 -10.65
CA LYS B 22 10.78 17.14 -10.85
C LYS B 22 10.10 17.16 -12.20
N LYS B 23 10.73 16.51 -13.16
CA LYS B 23 10.23 16.39 -14.51
C LYS B 23 10.47 14.94 -14.92
N VAL C 40 1.57 12.57 -9.59
CA VAL C 40 1.71 11.63 -8.43
C VAL C 40 1.76 12.48 -7.16
N GLU C 41 1.50 11.87 -6.01
CA GLU C 41 1.56 12.57 -4.73
C GLU C 41 2.44 11.80 -3.74
N GLY C 42 3.30 12.52 -3.03
CA GLY C 42 4.18 11.88 -2.08
C GLY C 42 3.79 12.07 -0.63
N GLU C 43 4.02 11.03 0.18
CA GLU C 43 3.73 11.05 1.60
C GLU C 43 4.89 11.62 2.42
N VAL C 44 6.08 11.57 1.84
CA VAL C 44 7.30 12.03 2.49
C VAL C 44 7.92 13.18 1.74
N GLN C 45 8.12 14.29 2.41
CA GLN C 45 8.73 15.44 1.77
C GLN C 45 10.18 15.53 2.24
N ILE C 46 11.05 15.90 1.32
CA ILE C 46 12.46 16.08 1.62
C ILE C 46 12.60 17.58 1.80
N VAL C 47 12.67 18.01 3.04
CA VAL C 47 12.78 19.42 3.36
C VAL C 47 14.19 19.81 3.80
N SER C 48 14.43 21.12 3.84
CA SER C 48 15.71 21.64 4.27
C SER C 48 15.59 23.08 4.77
N THR C 49 16.42 23.40 5.75
CA THR C 49 16.50 24.74 6.31
C THR C 49 17.88 25.20 5.86
N ALA C 50 18.19 26.47 6.05
CA ALA C 50 19.47 27.01 5.63
C ALA C 50 20.66 26.25 6.20
N THR C 51 20.44 25.61 7.34
CA THR C 51 21.49 24.87 7.99
C THR C 51 21.51 23.36 7.75
N GLN C 52 20.33 22.74 7.65
CA GLN C 52 20.27 21.28 7.46
C GLN C 52 19.11 20.76 6.61
N THR C 53 19.27 19.54 6.10
CA THR C 53 18.24 18.89 5.30
C THR C 53 17.79 17.67 6.06
N PHE C 54 16.49 17.47 6.13
CA PHE C 54 15.92 16.33 6.82
C PHE C 54 14.64 15.94 6.08
N LEU C 55 13.75 15.20 6.74
CA LEU C 55 12.52 14.76 6.10
C LEU C 55 11.28 15.15 6.88
N ALA C 56 10.14 15.06 6.22
CA ALA C 56 8.86 15.33 6.84
C ALA C 56 7.94 14.23 6.30
N THR C 57 6.99 13.80 7.10
CA THR C 57 6.03 12.76 6.73
C THR C 57 4.61 13.26 7.00
N CYS C 58 3.76 13.25 5.99
CA CYS C 58 2.40 13.69 6.17
C CYS C 58 1.58 12.52 6.68
N ILE C 59 1.03 12.66 7.87
CA ILE C 59 0.20 11.61 8.48
C ILE C 59 -1.07 12.27 9.01
N ASN C 60 -2.20 11.75 8.60
CA ASN C 60 -3.50 12.24 9.03
C ASN C 60 -3.76 13.74 8.85
N GLY C 61 -3.34 14.25 7.70
CA GLY C 61 -3.55 15.65 7.38
C GLY C 61 -2.44 16.62 7.74
N VAL C 62 -1.54 16.20 8.63
CA VAL C 62 -0.44 17.07 9.04
C VAL C 62 0.91 16.61 8.50
N CYS C 63 1.76 17.57 8.14
CA CYS C 63 3.10 17.27 7.65
C CYS C 63 4.04 17.30 8.84
N TRP C 64 4.31 16.14 9.41
CA TRP C 64 5.17 16.02 10.59
C TRP C 64 6.66 15.93 10.29
N THR C 65 7.47 16.43 11.23
CA THR C 65 8.92 16.40 11.13
C THR C 65 9.53 16.58 12.53
N VAL C 66 10.85 16.56 12.61
CA VAL C 66 11.53 16.69 13.90
C VAL C 66 11.83 18.12 14.34
N TYR C 67 11.52 18.42 15.60
CA TYR C 67 11.76 19.74 16.15
C TYR C 67 13.24 20.10 16.03
N HIS C 68 14.11 19.12 16.17
CA HIS C 68 15.55 19.36 16.10
C HIS C 68 16.07 19.82 14.74
N GLY C 69 15.17 19.89 13.76
CA GLY C 69 15.58 20.32 12.44
C GLY C 69 14.85 21.60 12.06
N ALA C 70 13.57 21.64 12.38
CA ALA C 70 12.73 22.78 12.05
C ALA C 70 12.55 23.82 13.18
N GLY C 71 12.34 23.34 14.40
CA GLY C 71 12.13 24.27 15.51
C GLY C 71 10.72 24.82 15.38
N THR C 72 10.62 26.13 15.26
CA THR C 72 9.32 26.80 15.12
C THR C 72 9.25 27.46 13.75
N ARG C 73 10.17 27.06 12.87
CA ARG C 73 10.24 27.58 11.52
C ARG C 73 8.94 27.30 10.80
N THR C 74 8.63 28.11 9.80
CA THR C 74 7.41 27.93 9.03
C THR C 74 7.73 27.19 7.75
N ILE C 75 6.76 26.48 7.19
CA ILE C 75 6.99 25.77 5.93
C ILE C 75 6.61 26.73 4.79
N ALA C 76 7.45 26.80 3.78
CA ALA C 76 7.16 27.71 2.66
C ALA C 76 6.01 27.18 1.78
N SER C 77 5.36 28.09 1.06
CA SER C 77 4.25 27.74 0.17
C SER C 77 4.12 28.86 -0.85
N PRO C 78 3.32 28.66 -1.93
CA PRO C 78 3.13 29.68 -2.97
C PRO C 78 2.48 30.96 -2.46
N LYS C 79 1.65 30.80 -1.43
CA LYS C 79 0.92 31.91 -0.79
C LYS C 79 1.72 32.63 0.28
N GLY C 80 2.90 32.12 0.61
CA GLY C 80 3.69 32.73 1.65
C GLY C 80 3.95 31.66 2.68
N PRO C 81 4.59 31.99 3.80
CA PRO C 81 4.87 30.99 4.82
C PRO C 81 3.67 30.59 5.65
N VAL C 82 3.60 29.31 6.00
CA VAL C 82 2.51 28.82 6.82
C VAL C 82 3.04 28.35 8.19
N ILE C 83 2.37 28.77 9.25
CA ILE C 83 2.77 28.43 10.61
C ILE C 83 2.42 27.03 11.03
N GLN C 84 3.26 26.51 11.92
CA GLN C 84 3.10 25.17 12.44
C GLN C 84 1.75 25.03 13.12
N MET C 85 1.17 23.85 12.99
CA MET C 85 -0.09 23.56 13.62
C MET C 85 0.25 23.04 15.00
N TYR C 86 1.37 22.34 15.10
CA TYR C 86 1.79 21.76 16.36
C TYR C 86 3.27 21.92 16.53
N THR C 87 3.68 21.99 17.79
CA THR C 87 5.08 22.09 18.16
C THR C 87 5.11 21.37 19.51
N ASN C 88 6.18 20.64 19.77
CA ASN C 88 6.30 19.87 20.99
C ASN C 88 7.76 19.49 21.19
N VAL C 89 8.50 20.42 21.78
CA VAL C 89 9.93 20.24 22.01
C VAL C 89 10.23 18.97 22.82
N ASP C 90 9.36 18.66 23.78
CA ASP C 90 9.52 17.48 24.63
C ASP C 90 9.51 16.21 23.83
N GLN C 91 8.71 16.20 22.76
CA GLN C 91 8.59 15.03 21.91
C GLN C 91 9.46 15.14 20.66
N ASP C 92 10.09 16.29 20.48
CA ASP C 92 10.94 16.56 19.32
C ASP C 92 10.09 16.48 18.06
N LEU C 93 8.83 16.88 18.23
CA LEU C 93 7.83 16.82 17.17
C LEU C 93 7.19 18.18 16.88
N VAL C 94 6.97 18.45 15.59
CA VAL C 94 6.32 19.68 15.12
C VAL C 94 5.64 19.31 13.81
N GLY C 95 4.59 20.03 13.43
CA GLY C 95 3.91 19.73 12.18
C GLY C 95 3.04 20.86 11.66
N TRP C 96 3.13 21.12 10.36
CA TRP C 96 2.33 22.17 9.71
C TRP C 96 1.23 21.45 8.91
N PRO C 97 0.38 22.20 8.20
CA PRO C 97 -0.64 21.48 7.44
C PRO C 97 0.00 20.90 6.16
N ALA C 98 -0.44 19.71 5.77
CA ALA C 98 0.08 19.01 4.60
C ALA C 98 0.21 19.86 3.33
N PRO C 99 1.42 19.91 2.75
CA PRO C 99 1.75 20.67 1.53
C PRO C 99 1.03 20.17 0.29
N GLN C 100 1.35 20.79 -0.85
CA GLN C 100 0.75 20.40 -2.12
C GLN C 100 1.51 19.24 -2.73
N GLY C 101 0.79 18.32 -3.35
CA GLY C 101 1.44 17.18 -3.95
C GLY C 101 1.86 16.17 -2.90
N SER C 102 1.11 16.13 -1.81
CA SER C 102 1.37 15.19 -0.73
C SER C 102 0.13 14.35 -0.44
N ARG C 103 0.33 13.23 0.24
CA ARG C 103 -0.76 12.35 0.62
C ARG C 103 -0.39 11.86 1.99
N SER C 104 -1.39 11.63 2.83
CA SER C 104 -1.16 11.22 4.20
C SER C 104 -1.08 9.72 4.45
N LEU C 105 -0.20 9.34 5.36
CA LEU C 105 -0.05 7.94 5.74
C LEU C 105 -1.13 7.57 6.74
N THR C 106 -1.36 6.27 6.85
CA THR C 106 -2.35 5.71 7.76
C THR C 106 -1.60 5.12 8.94
N PRO C 107 -2.08 5.35 10.16
CA PRO C 107 -1.40 4.80 11.34
C PRO C 107 -1.48 3.26 11.36
N CYS C 108 -0.53 2.61 12.02
CA CYS C 108 -0.53 1.16 12.10
C CYS C 108 -1.69 0.70 12.97
N THR C 109 -2.35 -0.39 12.58
CA THR C 109 -3.46 -0.92 13.34
C THR C 109 -3.28 -2.42 13.60
N CYS C 110 -2.15 -2.95 13.15
CA CYS C 110 -1.81 -4.36 13.30
C CYS C 110 -0.83 -4.50 14.46
N GLY C 111 -0.11 -3.42 14.74
CA GLY C 111 0.87 -3.45 15.82
C GLY C 111 2.01 -4.42 15.63
N SER C 112 2.53 -4.51 14.43
CA SER C 112 3.64 -5.40 14.16
C SER C 112 4.91 -4.73 14.65
N SER C 113 5.92 -5.53 14.94
CA SER C 113 7.19 -5.03 15.42
C SER C 113 8.25 -5.15 14.33
N ASP C 114 7.84 -5.60 13.16
CA ASP C 114 8.76 -5.73 12.06
C ASP C 114 8.58 -4.48 11.22
N LEU C 115 9.36 -3.45 11.56
CA LEU C 115 9.33 -2.14 10.94
C LEU C 115 10.30 -1.99 9.77
N TYR C 116 10.10 -0.94 8.96
CA TYR C 116 10.96 -0.64 7.82
C TYR C 116 11.12 0.87 7.79
N LEU C 117 12.35 1.34 7.72
CA LEU C 117 12.66 2.75 7.73
C LEU C 117 12.91 3.23 6.31
N VAL C 118 12.37 4.40 5.96
CA VAL C 118 12.57 4.93 4.62
C VAL C 118 13.50 6.13 4.74
N THR C 119 14.66 6.03 4.10
CA THR C 119 15.64 7.12 4.17
C THR C 119 15.31 8.21 3.16
N ARG C 120 16.09 9.29 3.20
CA ARG C 120 15.89 10.42 2.29
C ARG C 120 16.26 10.06 0.87
N HIS C 121 16.82 8.89 0.67
CA HIS C 121 17.18 8.47 -0.67
C HIS C 121 16.19 7.40 -1.13
N ALA C 122 15.18 7.18 -0.29
CA ALA C 122 14.14 6.20 -0.55
C ALA C 122 14.59 4.76 -0.42
N ASP C 123 15.54 4.50 0.49
CA ASP C 123 16.04 3.14 0.73
C ASP C 123 15.14 2.64 1.86
N VAL C 124 14.90 1.33 1.90
CA VAL C 124 14.09 0.75 2.96
C VAL C 124 15.02 -0.08 3.83
N ILE C 125 14.99 0.22 5.13
CA ILE C 125 15.83 -0.44 6.12
C ILE C 125 14.94 -1.19 7.12
N PRO C 126 15.06 -2.52 7.16
CA PRO C 126 14.20 -3.23 8.14
C PRO C 126 14.73 -2.92 9.53
N VAL C 127 13.81 -2.77 10.48
CA VAL C 127 14.13 -2.45 11.86
C VAL C 127 13.24 -3.27 12.77
N ARG C 128 13.84 -3.90 13.76
CA ARG C 128 13.09 -4.72 14.69
C ARG C 128 12.72 -3.80 15.85
N ARG C 129 11.44 -3.79 16.20
CA ARG C 129 11.00 -2.93 17.27
C ARG C 129 11.39 -3.50 18.61
N ARG C 130 12.29 -2.80 19.29
CA ARG C 130 12.73 -3.23 20.61
C ARG C 130 11.89 -2.54 21.70
N GLY C 131 11.35 -1.35 21.38
CA GLY C 131 10.54 -0.62 22.33
C GLY C 131 9.70 0.47 21.69
N ASP C 132 8.89 1.12 22.50
CA ASP C 132 8.00 2.19 22.03
C ASP C 132 8.67 3.25 21.20
N SER C 133 9.93 3.54 21.50
CA SER C 133 10.66 4.56 20.75
C SER C 133 11.99 4.01 20.26
N ARG C 134 12.18 2.71 20.44
CA ARG C 134 13.45 2.08 20.07
C ARG C 134 13.29 0.92 19.12
N GLY C 135 14.25 0.78 18.22
CA GLY C 135 14.22 -0.30 17.27
C GLY C 135 15.63 -0.57 16.82
N SER C 136 15.96 -1.84 16.64
CA SER C 136 17.29 -2.24 16.20
C SER C 136 17.29 -2.50 14.69
N LEU C 137 18.30 -2.02 13.98
CA LEU C 137 18.37 -2.27 12.55
C LEU C 137 18.56 -3.77 12.41
N LEU C 138 18.06 -4.35 11.33
CA LEU C 138 18.28 -5.78 11.12
C LEU C 138 19.65 -5.98 10.47
N SER C 139 20.30 -4.88 10.13
CA SER C 139 21.62 -4.87 9.52
C SER C 139 22.16 -3.47 9.79
N PRO C 140 23.15 -3.36 10.68
CA PRO C 140 23.73 -2.05 11.01
C PRO C 140 24.34 -1.37 9.79
N ARG C 141 24.12 -0.06 9.68
CA ARG C 141 24.62 0.71 8.54
C ARG C 141 25.53 1.84 9.02
N PRO C 142 26.40 2.34 8.14
CA PRO C 142 27.29 3.45 8.51
C PRO C 142 26.39 4.59 8.92
N ILE C 143 26.88 5.47 9.78
CA ILE C 143 26.07 6.57 10.24
C ILE C 143 25.51 7.49 9.14
N SER C 144 26.27 7.65 8.06
CA SER C 144 25.87 8.52 6.94
C SER C 144 24.71 7.98 6.12
N TYR C 145 24.41 6.70 6.32
CA TYR C 145 23.34 6.04 5.59
C TYR C 145 21.97 6.44 6.16
N LEU C 146 21.94 6.85 7.42
CA LEU C 146 20.69 7.28 8.05
C LEU C 146 20.60 8.80 8.22
N LYS C 147 21.58 9.53 7.70
CA LYS C 147 21.59 10.98 7.79
C LYS C 147 20.55 11.61 6.86
N GLY C 148 20.01 12.75 7.29
CA GLY C 148 19.01 13.46 6.50
C GLY C 148 17.68 12.72 6.45
N SER C 149 17.55 11.69 7.30
CA SER C 149 16.34 10.89 7.33
C SER C 149 15.49 11.16 8.54
N SER C 150 15.89 12.13 9.37
CA SER C 150 15.10 12.44 10.56
C SER C 150 13.76 12.95 10.11
N GLY C 151 12.70 12.42 10.69
CA GLY C 151 11.35 12.84 10.32
C GLY C 151 10.73 11.84 9.35
N GLY C 152 11.55 11.03 8.72
CA GLY C 152 11.06 10.03 7.79
C GLY C 152 10.13 9.07 8.51
N PRO C 153 9.40 8.24 7.76
CA PRO C 153 8.47 7.30 8.39
C PRO C 153 9.09 5.93 8.70
N LEU C 154 8.51 5.28 9.72
CA LEU C 154 8.91 3.95 10.11
C LEU C 154 7.64 3.18 9.86
N LEU C 155 7.64 2.41 8.77
CA LEU C 155 6.48 1.64 8.33
C LEU C 155 6.39 0.21 8.81
N CYS C 156 5.17 -0.27 8.96
CA CYS C 156 4.96 -1.66 9.37
C CYS C 156 4.80 -2.47 8.10
N PRO C 157 4.69 -3.80 8.21
CA PRO C 157 4.54 -4.63 6.99
C PRO C 157 3.52 -4.15 5.95
N ALA C 158 2.49 -3.44 6.41
CA ALA C 158 1.42 -2.94 5.54
C ALA C 158 1.69 -1.55 4.97
N GLY C 159 2.91 -1.05 5.17
CA GLY C 159 3.26 0.27 4.70
C GLY C 159 2.60 1.38 5.51
N HIS C 160 2.03 1.03 6.66
CA HIS C 160 1.38 2.00 7.55
C HIS C 160 2.41 2.59 8.52
N ALA C 161 2.15 3.84 8.91
CA ALA C 161 3.03 4.57 9.80
C ALA C 161 2.98 4.02 11.21
N VAL C 162 4.14 3.71 11.75
CA VAL C 162 4.27 3.19 13.11
C VAL C 162 4.90 4.28 13.99
N GLY C 163 5.69 5.13 13.35
CA GLY C 163 6.34 6.20 14.07
C GLY C 163 7.12 7.08 13.13
N LEU C 164 7.84 8.03 13.70
CA LEU C 164 8.63 8.99 12.95
C LEU C 164 10.09 8.87 13.43
N PHE C 165 11.00 8.62 12.52
CA PHE C 165 12.43 8.49 12.84
C PHE C 165 12.91 9.73 13.59
N ARG C 166 13.20 9.56 14.89
CA ARG C 166 13.68 10.68 15.70
C ARG C 166 15.20 10.85 15.61
N ALA C 167 15.97 9.79 15.84
CA ALA C 167 17.44 9.86 15.75
C ALA C 167 18.15 8.49 15.77
N ALA C 168 19.38 8.49 15.29
CA ALA C 168 20.13 7.24 15.24
C ALA C 168 20.92 7.03 16.52
N VAL C 169 20.93 5.77 16.97
CA VAL C 169 21.67 5.36 18.15
C VAL C 169 22.86 4.57 17.62
N CYS C 170 23.95 5.28 17.34
CA CYS C 170 25.14 4.64 16.78
C CYS C 170 26.21 4.22 17.80
N THR C 171 27.18 3.46 17.30
CA THR C 171 28.28 2.98 18.12
C THR C 171 29.51 2.97 17.22
N ARG C 172 30.46 3.83 17.55
CA ARG C 172 31.71 3.95 16.81
C ARG C 172 31.50 4.45 15.38
N GLY C 173 30.31 4.96 15.10
CA GLY C 173 30.03 5.46 13.77
C GLY C 173 29.11 4.56 12.97
N VAL C 174 28.68 3.46 13.59
CA VAL C 174 27.78 2.52 12.95
C VAL C 174 26.41 2.62 13.63
N ALA C 175 25.37 2.90 12.83
CA ALA C 175 24.02 3.00 13.34
C ALA C 175 23.51 1.57 13.46
N LYS C 176 23.32 1.11 14.68
CA LYS C 176 22.87 -0.25 14.91
C LYS C 176 21.41 -0.26 15.34
N ALA C 177 20.95 0.90 15.84
CA ALA C 177 19.58 1.05 16.31
C ALA C 177 19.02 2.43 15.95
N VAL C 178 17.71 2.56 16.11
CA VAL C 178 16.97 3.76 15.77
C VAL C 178 16.00 4.20 16.88
N ASP C 179 15.87 5.51 17.01
CA ASP C 179 15.00 6.13 17.99
C ASP C 179 13.86 6.83 17.23
N PHE C 180 12.62 6.70 17.71
CA PHE C 180 11.50 7.33 17.02
C PHE C 180 10.30 7.81 17.85
N ILE C 181 9.45 8.62 17.22
CA ILE C 181 8.23 9.17 17.83
C ILE C 181 7.06 8.31 17.35
N PRO C 182 6.56 7.40 18.19
CA PRO C 182 5.45 6.58 17.71
C PRO C 182 4.29 7.42 17.25
N VAL C 183 3.55 6.92 16.26
CA VAL C 183 2.40 7.65 15.72
C VAL C 183 1.37 8.00 16.76
N GLU C 184 1.25 7.18 17.79
CA GLU C 184 0.28 7.42 18.84
C GLU C 184 0.46 8.82 19.42
N ASN C 185 1.72 9.25 19.53
CA ASN C 185 2.02 10.57 20.05
C ASN C 185 1.52 11.65 19.11
N LEU C 186 1.69 11.42 17.82
CA LEU C 186 1.24 12.36 16.82
C LEU C 186 -0.30 12.39 16.86
N GLU C 187 -0.88 11.21 17.10
CA GLU C 187 -2.33 11.04 17.19
C GLU C 187 -2.93 11.78 18.37
N THR C 188 -2.17 11.91 19.45
CA THR C 188 -2.64 12.61 20.65
C THR C 188 -2.38 14.11 20.52
N THR C 189 -1.20 14.44 20.00
CA THR C 189 -0.80 15.82 19.79
C THR C 189 -1.76 16.55 18.87
N MET C 190 -2.26 15.85 17.87
CA MET C 190 -3.18 16.38 16.87
C MET C 190 -4.64 16.39 17.33
N GLY D 3 13.42 32.36 8.92
CA GLY D 3 13.60 31.52 7.70
C GLY D 3 12.47 30.51 7.66
N SER D 4 12.36 29.77 6.55
CA SER D 4 11.32 28.77 6.41
C SER D 4 11.89 27.45 5.95
N VAL D 5 11.17 26.38 6.28
CA VAL D 5 11.53 25.03 5.89
C VAL D 5 11.02 24.93 4.45
N VAL D 6 11.89 24.54 3.54
CA VAL D 6 11.50 24.40 2.13
C VAL D 6 11.47 22.94 1.70
N ILE D 7 10.40 22.55 1.03
CA ILE D 7 10.28 21.19 0.55
C ILE D 7 11.10 21.14 -0.72
N VAL D 8 12.20 20.40 -0.68
CA VAL D 8 13.08 20.29 -1.85
C VAL D 8 12.87 19.02 -2.68
N GLY D 9 11.93 18.19 -2.28
CA GLY D 9 11.69 16.97 -3.03
C GLY D 9 10.56 16.21 -2.40
N ARG D 10 10.15 15.12 -3.05
CA ARG D 10 9.04 14.30 -2.58
C ARG D 10 9.37 12.82 -2.79
N ILE D 11 8.79 11.97 -1.95
CA ILE D 11 8.98 10.53 -2.03
C ILE D 11 7.62 9.83 -2.03
N VAL D 12 7.34 9.04 -3.06
CA VAL D 12 6.08 8.27 -3.13
C VAL D 12 6.50 6.87 -2.71
N LEU D 13 6.02 6.43 -1.55
CA LEU D 13 6.39 5.13 -1.01
C LEU D 13 5.99 3.92 -1.88
N SER D 14 4.94 4.06 -2.69
CA SER D 14 4.49 2.96 -3.55
C SER D 14 5.29 2.84 -4.84
N GLY D 15 6.07 3.88 -5.15
CA GLY D 15 6.86 3.86 -6.36
C GLY D 15 6.08 4.32 -7.57
N LYS D 16 4.85 4.77 -7.33
CA LYS D 16 3.97 5.22 -8.41
C LYS D 16 4.61 6.24 -9.33
N PRO D 17 4.63 5.93 -10.62
CA PRO D 17 5.20 6.78 -11.65
C PRO D 17 4.14 7.61 -12.35
N ALA D 18 2.93 7.03 -12.41
CA ALA D 18 1.75 7.59 -13.07
C ALA D 18 1.73 9.07 -13.42
ZN ZN E . 3.80 -16.28 3.82
C1 BME F . -20.09 -2.26 -20.10
C2 BME F . -18.56 -2.42 -20.01
O1 BME F . -20.93 -2.94 -21.07
S2 BME F . -17.75 -1.38 -18.75
C1 HU4 G . -22.07 -11.71 2.48
O2 HU4 G . -22.64 -12.37 1.61
O3 HU4 G . -21.69 -12.13 3.71
C4 HU4 G . -21.52 -13.50 4.11
C5 HU4 G . -20.88 -14.48 3.09
C6 HU4 G . -20.62 -13.45 5.42
C7 HU4 G . -22.93 -14.06 4.40
N8 HU4 G . -21.81 -10.42 2.33
C9 HU4 G . -22.09 -9.71 1.10
C10 HU4 G . -22.15 -8.20 1.37
C11 HU4 G . -22.36 -7.40 0.10
C12 HU4 G . -23.22 -7.86 2.41
C13 HU4 G . -22.40 -5.89 0.39
C14 HU4 G . -23.25 -6.36 2.74
C15 HU4 G . -23.45 -5.54 1.46
C16 HU4 G . -20.91 -9.98 0.15
O17 HU4 G . -19.77 -9.65 0.47
N18 HU4 G . -21.17 -10.64 -0.98
C19 HU4 G . -22.49 -11.07 -1.46
C20 HU4 G . -20.12 -10.94 -1.95
C21 HU4 G . -20.73 -12.03 -2.76
C22 HU4 G . -22.16 -11.73 -2.81
O23 HU4 G . -22.39 -13.16 -2.77
C24 HU4 G . -21.03 -13.43 -2.34
C25 HU4 G . -20.45 -14.54 -3.12
C26 HU4 G . -20.74 -13.80 -0.92
C27 HU4 G . -19.76 -9.69 -2.73
O28 HU4 G . -20.61 -9.12 -3.44
N29 HU4 G . -18.51 -9.25 -2.62
C30 HU4 G . -18.08 -8.04 -3.31
C31 HU4 G . -17.35 -7.12 -2.32
C32 HU4 G . -18.21 -6.80 -1.05
C33 HU4 G . -19.33 -5.76 -1.17
C34 HU4 G . -17.60 -5.99 0.10
C35 HU4 G . -18.92 -5.22 0.19
O36 HU4 G . -17.83 -9.37 -5.32
C37 HU4 G . -17.24 -8.31 -4.60
O38 HU4 G . -16.51 -6.17 -5.28
N39 HU4 G . -18.06 -7.15 -6.61
C40 HU4 G . -17.25 -7.12 -5.54
ZN ZN H . 0.45 -2.21 10.49
#